data_4P3L
#
_entry.id   4P3L
#
_cell.length_a   160.657
_cell.length_b   160.657
_cell.length_c   58.117
_cell.angle_alpha   90.000
_cell.angle_beta   90.000
_cell.angle_gamma   120.000
#
_symmetry.space_group_name_H-M   'P 61 2 2'
#
loop_
_entity.id
_entity.type
_entity.pdbx_description
1 polymer 'TRAP dicarboxylate transporter, DctP subunit'
2 non-polymer 'CHLORIDE ION'
3 non-polymer 'beta-D-glucopyranuronic acid'
4 water water
#
_entity_poly.entity_id   1
_entity_poly.type   'polypeptide(L)'
_entity_poly.pdbx_seq_one_letter_code
;(MSE)HHHHHHSSGVDLGTENLYFQS(MSE)DSWRGWNIHPPSYPNGKALESFAKEVAEKTEGRVEPKVYHNAVLGDQPD
AIEQTRSGALDFANFN(MSE)GP(MSE)GPIVPAANVLSLPFIFKSPDD(MSE)YRI(MSE)DGEIGERFADALAEKNLI
VLSWFGSGARSLYNTDHPVETPDDVEGLKVRV(MSE)NNDLYVQ(MSE)IDE(MSE)GGNATP(MSE)AYGEVYQSLKTG
VIDGAENNYPSYESSGHYEVANYYSLTEHLILPECLCVAKASWEELSEKDRQAIREAAEDAAKEQRALWEEGVQASKQKI
LDAGVKINEVDDKSAFQAK(MSE)QPIYDQFVQEHPELESLVTDIQDAQS
;
_entity_poly.pdbx_strand_id   A
#
loop_
_chem_comp.id
_chem_comp.type
_chem_comp.name
_chem_comp.formula
BDP D-saccharide, beta linking 'beta-D-glucopyranuronic acid' 'C6 H10 O7'
CL non-polymer 'CHLORIDE ION' 'Cl -1'
#
# COMPACT_ATOMS: atom_id res chain seq x y z
N ASP A 24 0.37 -15.18 25.52
CA ASP A 24 -0.11 -15.08 24.14
C ASP A 24 1.05 -14.63 23.24
N SER A 25 1.69 -15.59 22.59
CA SER A 25 2.71 -15.28 21.60
C SER A 25 1.99 -14.89 20.30
N TRP A 26 2.43 -13.81 19.64
CA TRP A 26 1.83 -13.37 18.39
C TRP A 26 2.90 -13.29 17.30
N ARG A 27 2.56 -13.74 16.09
CA ARG A 27 3.42 -13.64 14.93
C ARG A 27 2.85 -12.63 13.97
N GLY A 28 3.68 -11.70 13.51
CA GLY A 28 3.24 -10.66 12.59
C GLY A 28 4.04 -10.61 11.30
N TRP A 29 3.44 -9.97 10.29
CA TRP A 29 3.96 -9.95 8.92
C TRP A 29 4.24 -8.53 8.41
N ASN A 30 5.41 -8.35 7.81
CA ASN A 30 5.78 -7.13 7.10
C ASN A 30 6.52 -7.53 5.83
N ILE A 31 6.17 -6.93 4.68
CA ILE A 31 6.85 -7.28 3.44
C ILE A 31 8.19 -6.58 3.30
N HIS A 32 8.34 -5.46 4.00
CA HIS A 32 9.54 -4.64 3.86
C HIS A 32 10.66 -5.05 4.81
N PRO A 33 11.86 -4.50 4.59
CA PRO A 33 12.95 -4.77 5.54
C PRO A 33 12.69 -4.13 6.91
N PRO A 34 13.42 -4.59 7.94
CA PRO A 34 13.18 -4.09 9.29
C PRO A 34 13.44 -2.59 9.46
N SER A 35 14.35 -2.03 8.67
CA SER A 35 14.70 -0.60 8.80
C SER A 35 13.80 0.34 7.97
N TYR A 36 12.87 -0.22 7.21
CA TYR A 36 11.90 0.56 6.46
C TYR A 36 10.97 1.26 7.48
N PRO A 37 10.42 2.44 7.13
CA PRO A 37 9.51 3.12 8.07
C PRO A 37 8.45 2.19 8.70
N ASN A 38 7.76 1.40 7.89
CA ASN A 38 6.76 0.46 8.42
C ASN A 38 7.37 -0.59 9.36
N GLY A 39 8.58 -1.02 9.05
CA GLY A 39 9.29 -1.99 9.87
C GLY A 39 9.62 -1.46 11.25
N LYS A 40 10.16 -0.25 11.32
CA LYS A 40 10.45 0.37 12.60
C LYS A 40 9.18 0.59 13.41
N ALA A 41 8.10 1.03 12.74
CA ALA A 41 6.86 1.28 13.44
C ALA A 41 6.28 -0.01 14.02
N LEU A 42 6.39 -1.11 13.27
CA LEU A 42 5.87 -2.39 13.76
C LEU A 42 6.70 -2.94 14.92
N GLU A 43 8.03 -2.72 14.90
CA GLU A 43 8.85 -3.09 16.05
C GLU A 43 8.47 -2.28 17.27
N SER A 44 8.16 -0.99 17.09
CA SER A 44 7.70 -0.18 18.22
C SER A 44 6.37 -0.72 18.75
N PHE A 45 5.47 -1.08 17.84
CA PHE A 45 4.19 -1.67 18.20
C PHE A 45 4.37 -2.93 19.06
N ALA A 46 5.28 -3.81 18.64
CA ALA A 46 5.45 -5.08 19.32
C ALA A 46 5.93 -4.83 20.75
N LYS A 47 6.84 -3.88 20.89
CA LYS A 47 7.41 -3.55 22.19
C LYS A 47 6.34 -2.94 23.12
N GLU A 48 5.52 -2.03 22.58
CA GLU A 48 4.50 -1.37 23.38
C GLU A 48 3.42 -2.36 23.80
N VAL A 49 3.09 -3.30 22.94
CA VAL A 49 2.10 -4.32 23.27
C VAL A 49 2.56 -5.18 24.45
N ALA A 50 3.80 -5.63 24.40
CA ALA A 50 4.33 -6.47 25.47
C ALA A 50 4.33 -5.71 26.79
N GLU A 51 4.70 -4.43 26.74
CA GLU A 51 4.75 -3.61 27.95
C GLU A 51 3.36 -3.35 28.52
N LYS A 52 2.47 -2.89 27.67
CA LYS A 52 1.14 -2.47 28.08
C LYS A 52 0.25 -3.65 28.49
N THR A 53 0.51 -4.85 27.96
CA THR A 53 -0.24 -6.02 28.39
C THR A 53 0.46 -6.81 29.48
N GLU A 54 1.53 -6.23 30.04
CA GLU A 54 2.26 -6.87 31.12
C GLU A 54 2.72 -8.27 30.71
N GLY A 55 3.11 -8.43 29.44
CA GLY A 55 3.65 -9.69 28.98
C GLY A 55 2.60 -10.71 28.56
N ARG A 56 1.32 -10.39 28.71
CA ARG A 56 0.27 -11.32 28.32
C ARG A 56 0.21 -11.54 26.81
N VAL A 57 0.57 -10.52 26.05
CA VAL A 57 0.67 -10.64 24.59
C VAL A 57 2.08 -10.19 24.19
N GLU A 58 2.80 -11.08 23.52
N GLU A 58 2.80 -11.07 23.50
CA GLU A 58 4.20 -10.84 23.15
CA GLU A 58 4.20 -10.81 23.17
C GLU A 58 4.36 -11.01 21.65
C GLU A 58 4.39 -10.99 21.66
N PRO A 59 4.21 -9.91 20.89
CA PRO A 59 4.32 -9.97 19.43
C PRO A 59 5.75 -9.99 18.95
N LYS A 60 5.95 -10.71 17.86
CA LYS A 60 7.19 -10.68 17.10
C LYS A 60 6.87 -10.47 15.63
N VAL A 61 7.58 -9.51 15.02
CA VAL A 61 7.42 -9.18 13.60
C VAL A 61 8.43 -9.92 12.74
N TYR A 62 7.93 -10.55 11.67
CA TYR A 62 8.78 -11.19 10.67
C TYR A 62 8.73 -10.38 9.40
N HIS A 63 9.89 -9.85 9.02
CA HIS A 63 10.04 -8.88 7.94
C HIS A 63 10.37 -9.56 6.60
N ASN A 64 10.48 -8.76 5.53
CA ASN A 64 10.89 -9.26 4.22
C ASN A 64 9.98 -10.35 3.64
N ALA A 65 8.74 -10.40 4.10
CA ALA A 65 7.76 -11.34 3.56
C ALA A 65 8.24 -12.77 3.68
N VAL A 66 9.02 -13.04 4.71
CA VAL A 66 9.50 -14.39 4.90
C VAL A 66 8.36 -15.38 5.16
N LEU A 67 7.24 -14.89 5.71
CA LEU A 67 6.11 -15.79 5.97
C LEU A 67 5.13 -15.91 4.79
N GLY A 68 5.43 -15.25 3.67
CA GLY A 68 4.61 -15.42 2.47
C GLY A 68 4.43 -14.16 1.64
N ASP A 69 4.07 -14.32 0.38
CA ASP A 69 3.75 -13.13 -0.41
C ASP A 69 2.46 -12.49 0.10
N GLN A 70 2.13 -11.29 -0.37
CA GLN A 70 1.10 -10.49 0.30
C GLN A 70 -0.30 -11.15 0.24
N PRO A 71 -0.74 -11.62 -0.94
CA PRO A 71 -2.04 -12.32 -0.99
C PRO A 71 -2.12 -13.53 -0.08
N ASP A 72 -1.06 -14.32 0.00
CA ASP A 72 -1.03 -15.48 0.88
C ASP A 72 -1.02 -15.10 2.37
N ALA A 73 -0.28 -14.05 2.69
CA ALA A 73 -0.26 -13.54 4.07
C ALA A 73 -1.62 -13.01 4.48
N ILE A 74 -2.33 -12.38 3.55
CA ILE A 74 -3.68 -11.94 3.85
C ILE A 74 -4.54 -13.15 4.17
N GLU A 75 -4.46 -14.20 3.38
CA GLU A 75 -5.27 -15.39 3.64
C GLU A 75 -4.92 -16.05 4.97
N GLN A 76 -3.65 -16.08 5.32
CA GLN A 76 -3.23 -16.70 6.57
C GLN A 76 -3.69 -15.88 7.79
N THR A 77 -3.78 -14.56 7.63
CA THR A 77 -4.21 -13.71 8.73
C THR A 77 -5.73 -13.84 8.91
N ARG A 78 -6.46 -13.88 7.80
CA ARG A 78 -7.91 -14.11 7.86
C ARG A 78 -8.25 -15.41 8.55
N SER A 79 -7.41 -16.44 8.38
CA SER A 79 -7.75 -17.72 8.96
C SER A 79 -7.19 -17.88 10.38
N GLY A 80 -6.50 -16.85 10.88
CA GLY A 80 -5.88 -16.90 12.20
C GLY A 80 -4.52 -17.60 12.32
N ALA A 81 -3.92 -18.01 11.20
CA ALA A 81 -2.59 -18.64 11.22
C ALA A 81 -1.47 -17.63 11.49
N LEU A 82 -1.69 -16.37 11.12
CA LEU A 82 -0.83 -15.25 11.48
C LEU A 82 -1.68 -14.34 12.35
N ASP A 83 -1.07 -13.67 13.33
CA ASP A 83 -1.87 -12.90 14.30
C ASP A 83 -2.06 -11.45 13.94
N PHE A 84 -1.07 -10.84 13.30
CA PHE A 84 -1.18 -9.44 12.89
C PHE A 84 -0.32 -9.14 11.67
N ALA A 85 -0.59 -8.01 11.03
CA ALA A 85 0.15 -7.65 9.83
C ALA A 85 -0.04 -6.19 9.45
N ASN A 86 0.85 -5.70 8.60
CA ASN A 86 0.70 -4.44 7.91
C ASN A 86 0.45 -4.78 6.43
N PHE A 87 -0.78 -4.58 5.95
CA PHE A 87 -1.13 -4.86 4.55
C PHE A 87 -1.44 -3.57 3.77
N ASN A 88 -0.95 -3.53 2.53
CA ASN A 88 -1.37 -2.50 1.58
C ASN A 88 -2.81 -2.79 1.14
N MSE A 89 -3.62 -1.75 0.96
CA MSE A 89 -5.02 -1.98 0.62
C MSE A 89 -5.20 -2.38 -0.84
O MSE A 89 -6.28 -2.80 -1.23
CB MSE A 89 -5.88 -0.76 0.93
CG MSE A 89 -6.04 -0.50 2.41
SE MSE A 89 -7.07 -1.98 3.27
CE MSE A 89 -5.59 -2.97 3.99
H MSE A 89 -3.39 -0.92 1.04
HA MSE A 89 -5.35 -2.71 1.18
HB2 MSE A 89 -5.47 0.03 0.54
HB3 MSE A 89 -6.76 -0.89 0.56
HG2 MSE A 89 -5.17 -0.45 2.82
HG3 MSE A 89 -6.52 0.32 2.53
HE1 MSE A 89 -5.93 -3.74 4.45
HE2 MSE A 89 -5.03 -3.25 3.27
HE3 MSE A 89 -5.10 -2.41 4.59
N GLY A 90 -4.15 -2.26 -1.63
CA GLY A 90 -4.20 -2.65 -3.04
C GLY A 90 -4.57 -4.11 -3.26
N PRO A 91 -3.73 -5.02 -2.73
CA PRO A 91 -4.00 -6.46 -2.82
C PRO A 91 -5.20 -6.89 -1.98
N MSE A 92 -5.70 -6.02 -1.10
CA MSE A 92 -6.90 -6.32 -0.33
C MSE A 92 -8.18 -6.22 -1.20
O MSE A 92 -9.21 -6.78 -0.87
CB MSE A 92 -6.98 -5.36 0.85
CG MSE A 92 -8.05 -5.64 1.83
SE MSE A 92 -7.65 -7.31 2.83
CE MSE A 92 -5.99 -6.68 3.71
H MSE A 92 -5.35 -5.26 -0.93
HA MSE A 92 -6.83 -7.23 0.03
HB2 MSE A 92 -6.14 -5.38 1.32
HB3 MSE A 92 -7.14 -4.47 0.50
HG2 MSE A 92 -8.11 -4.91 2.47
HG3 MSE A 92 -8.90 -5.76 1.36
HE1 MSE A 92 -5.65 -7.39 4.26
HE2 MSE A 92 -5.35 -6.44 3.03
HE3 MSE A 92 -6.20 -5.92 4.25
N GLY A 93 -8.09 -5.50 -2.31
CA GLY A 93 -9.26 -5.21 -3.13
C GLY A 93 -10.01 -6.44 -3.62
N PRO A 94 -9.27 -7.44 -4.13
CA PRO A 94 -9.91 -8.69 -4.58
C PRO A 94 -10.56 -9.51 -3.46
N ILE A 95 -10.19 -9.24 -2.22
CA ILE A 95 -10.70 -9.96 -1.05
C ILE A 95 -11.90 -9.25 -0.41
N VAL A 96 -11.83 -7.93 -0.37
CA VAL A 96 -12.85 -7.09 0.27
C VAL A 96 -13.34 -6.09 -0.76
N PRO A 97 -14.58 -6.26 -1.25
CA PRO A 97 -15.05 -5.42 -2.34
C PRO A 97 -14.92 -3.89 -2.12
N ALA A 98 -15.24 -3.41 -0.92
CA ALA A 98 -15.18 -1.97 -0.66
C ALA A 98 -13.77 -1.44 -0.79
N ALA A 99 -12.78 -2.26 -0.45
CA ALA A 99 -11.40 -1.83 -0.51
C ALA A 99 -10.96 -1.50 -1.92
N ASN A 100 -11.61 -2.07 -2.92
CA ASN A 100 -11.28 -1.76 -4.30
C ASN A 100 -11.48 -0.28 -4.61
N VAL A 101 -12.33 0.41 -3.85
CA VAL A 101 -12.51 1.85 -4.10
C VAL A 101 -11.18 2.58 -3.99
N LEU A 102 -10.34 2.13 -3.07
CA LEU A 102 -9.06 2.79 -2.80
C LEU A 102 -8.06 2.61 -3.95
N SER A 103 -8.32 1.63 -4.82
CA SER A 103 -7.47 1.35 -5.97
C SER A 103 -7.94 2.01 -7.27
N LEU A 104 -9.00 2.81 -7.19
CA LEU A 104 -9.40 3.64 -8.34
C LEU A 104 -8.30 4.72 -8.55
N PRO A 105 -7.70 4.75 -9.75
CA PRO A 105 -6.57 5.68 -9.95
C PRO A 105 -6.96 7.14 -9.70
N PHE A 106 -6.09 7.88 -9.02
CA PHE A 106 -6.30 9.29 -8.75
C PHE A 106 -7.51 9.59 -7.87
N ILE A 107 -8.01 8.63 -7.10
CA ILE A 107 -9.16 8.96 -6.25
C ILE A 107 -8.77 9.92 -5.10
N PHE A 108 -7.53 9.87 -4.66
CA PHE A 108 -7.03 10.85 -3.68
C PHE A 108 -6.13 11.85 -4.39
N LYS A 109 -6.30 13.12 -4.07
CA LYS A 109 -5.48 14.18 -4.68
C LYS A 109 -4.06 14.29 -4.11
N SER A 110 -3.88 13.83 -2.88
CA SER A 110 -2.58 13.92 -2.19
C SER A 110 -2.60 12.99 -0.99
N PRO A 111 -1.42 12.63 -0.48
CA PRO A 111 -1.38 11.86 0.77
C PRO A 111 -2.10 12.55 1.94
N ASP A 112 -1.94 13.86 2.09
CA ASP A 112 -2.63 14.55 3.16
C ASP A 112 -4.16 14.43 3.04
N ASP A 113 -4.70 14.46 1.82
CA ASP A 113 -6.13 14.21 1.65
C ASP A 113 -6.52 12.80 2.08
N MSE A 114 -5.71 11.81 1.69
CA MSE A 114 -5.95 10.43 2.10
C MSE A 114 -5.95 10.27 3.64
O MSE A 114 -6.86 9.63 4.21
CB MSE A 114 -4.88 9.49 1.50
CG MSE A 114 -5.07 8.00 1.78
SE MSE A 114 -4.19 7.51 3.49
CE MSE A 114 -2.36 8.01 3.01
H MSE A 114 -5.03 11.92 1.18
HA MSE A 114 -6.81 10.14 1.77
HB2 MSE A 114 -4.88 9.62 0.54
HB3 MSE A 114 -4.01 9.75 1.85
HG2 MSE A 114 -6.02 7.80 1.86
HG3 MSE A 114 -4.67 7.48 1.07
HE1 MSE A 114 -1.79 7.84 3.76
HE2 MSE A 114 -2.09 7.50 2.26
HE3 MSE A 114 -2.34 8.95 2.79
N TYR A 115 -4.95 10.84 4.32
CA TYR A 115 -4.89 10.75 5.78
C TYR A 115 -6.13 11.36 6.42
N ARG A 116 -6.48 12.55 5.96
CA ARG A 116 -7.62 13.28 6.49
C ARG A 116 -8.88 12.46 6.36
N ILE A 117 -9.06 11.84 5.19
CA ILE A 117 -10.28 11.08 4.93
C ILE A 117 -10.30 9.75 5.70
N MSE A 118 -9.17 9.05 5.73
CA MSE A 118 -9.11 7.77 6.40
C MSE A 118 -9.17 7.96 7.92
O MSE A 118 -9.59 7.04 8.63
CB MSE A 118 -7.85 6.98 6.00
CG MSE A 118 -7.78 6.62 4.50
SE MSE A 118 -9.31 5.54 3.90
CE MSE A 118 -8.89 3.89 4.89
H MSE A 118 -8.44 9.30 5.35
HA MSE A 118 -9.88 7.24 6.13
HB2 MSE A 118 -7.07 7.51 6.21
HB3 MSE A 118 -7.84 6.15 6.50
HG2 MSE A 118 -7.75 7.44 3.98
HG3 MSE A 118 -6.96 6.11 4.35
HE1 MSE A 118 -9.56 3.23 4.71
HE2 MSE A 118 -8.02 3.57 4.61
HE3 MSE A 118 -8.87 4.08 5.83
N ASP A 119 -8.82 9.14 8.41
CA ASP A 119 -8.86 9.40 9.86
C ASP A 119 -10.26 9.90 10.29
N GLY A 120 -11.17 10.13 9.35
CA GLY A 120 -12.52 10.51 9.68
C GLY A 120 -13.45 9.31 9.61
N GLU A 121 -14.74 9.56 9.56
CA GLU A 121 -15.75 8.50 9.53
C GLU A 121 -15.62 7.58 8.31
N ILE A 122 -15.20 8.12 7.16
CA ILE A 122 -15.03 7.29 5.97
C ILE A 122 -14.03 6.14 6.20
N GLY A 123 -12.94 6.39 6.91
CA GLY A 123 -12.01 5.33 7.25
C GLY A 123 -12.65 4.17 7.97
N GLU A 124 -13.62 4.46 8.84
CA GLU A 124 -14.32 3.40 9.59
C GLU A 124 -15.18 2.51 8.69
N ARG A 125 -15.66 3.07 7.57
CA ARG A 125 -16.37 2.24 6.62
C ARG A 125 -15.47 1.13 6.08
N PHE A 126 -14.21 1.46 5.83
CA PHE A 126 -13.25 0.48 5.32
C PHE A 126 -12.87 -0.52 6.44
N ALA A 127 -12.71 -0.04 7.67
CA ALA A 127 -12.45 -0.96 8.78
C ALA A 127 -13.60 -1.96 8.94
N ASP A 128 -14.84 -1.49 8.84
CA ASP A 128 -15.99 -2.38 8.97
C ASP A 128 -16.00 -3.45 7.89
N ALA A 129 -15.68 -3.05 6.68
CA ALA A 129 -15.65 -3.98 5.56
C ALA A 129 -14.57 -5.05 5.77
N LEU A 130 -13.41 -4.66 6.30
CA LEU A 130 -12.36 -5.64 6.58
C LEU A 130 -12.79 -6.60 7.67
N ALA A 131 -13.50 -6.11 8.69
CA ALA A 131 -13.91 -6.97 9.78
C ALA A 131 -14.82 -8.10 9.30
N GLU A 132 -15.66 -7.83 8.30
CA GLU A 132 -16.54 -8.85 7.75
C GLU A 132 -15.73 -9.97 7.09
N LYS A 133 -14.48 -9.70 6.75
CA LYS A 133 -13.57 -10.69 6.17
C LYS A 133 -12.48 -11.12 7.17
N ASN A 134 -12.75 -10.94 8.47
CA ASN A 134 -11.92 -11.49 9.57
C ASN A 134 -10.62 -10.72 9.85
N LEU A 135 -10.57 -9.46 9.44
CA LEU A 135 -9.41 -8.62 9.72
C LEU A 135 -9.81 -7.39 10.52
N ILE A 136 -9.17 -7.20 11.66
CA ILE A 136 -9.50 -6.10 12.58
C ILE A 136 -8.49 -4.98 12.42
N VAL A 137 -8.91 -3.89 11.78
CA VAL A 137 -8.01 -2.76 11.53
C VAL A 137 -7.87 -1.90 12.77
N LEU A 138 -6.63 -1.70 13.21
CA LEU A 138 -6.37 -0.90 14.41
C LEU A 138 -5.86 0.50 14.08
N SER A 139 -5.21 0.66 12.95
CA SER A 139 -4.73 1.97 12.55
C SER A 139 -4.29 1.94 11.10
N TRP A 140 -4.04 3.13 10.53
CA TRP A 140 -3.69 3.25 9.11
C TRP A 140 -2.31 3.88 8.93
N PHE A 141 -1.48 3.21 8.13
CA PHE A 141 -0.18 3.70 7.76
C PHE A 141 -0.28 4.34 6.35
N GLY A 142 0.63 5.25 6.05
CA GLY A 142 0.68 5.83 4.72
C GLY A 142 1.64 5.08 3.80
N SER A 143 1.46 5.25 2.49
N SER A 143 1.49 5.34 2.50
CA SER A 143 2.40 4.68 1.52
CA SER A 143 2.29 4.66 1.47
C SER A 143 2.60 5.64 0.33
C SER A 143 2.66 5.63 0.35
N GLY A 144 2.60 6.93 0.64
CA GLY A 144 2.93 7.95 -0.34
C GLY A 144 2.11 7.85 -1.61
N ALA A 145 2.78 8.16 -2.73
CA ALA A 145 2.13 8.14 -4.04
C ALA A 145 2.93 7.26 -4.97
N ARG A 146 2.25 6.32 -5.64
CA ARG A 146 2.93 5.43 -6.59
C ARG A 146 3.10 6.10 -7.95
N SER A 147 4.31 6.04 -8.49
CA SER A 147 4.63 6.57 -9.81
C SER A 147 5.36 5.52 -10.67
N LEU A 148 5.27 5.72 -11.98
CA LEU A 148 5.89 4.80 -12.95
C LEU A 148 7.39 4.93 -12.99
N TYR A 149 8.08 3.80 -12.99
CA TYR A 149 9.49 3.81 -13.37
C TYR A 149 9.76 2.81 -14.46
N ASN A 150 10.77 3.08 -15.28
CA ASN A 150 11.06 2.15 -16.37
C ASN A 150 12.52 2.24 -16.79
N THR A 151 12.92 1.33 -17.66
CA THR A 151 14.33 1.20 -18.03
C THR A 151 14.69 1.94 -19.31
N ASP A 152 13.70 2.50 -20.01
CA ASP A 152 13.94 3.01 -21.37
C ASP A 152 13.89 4.54 -21.55
N HIS A 153 12.87 5.21 -21.04
CA HIS A 153 12.72 6.63 -21.33
C HIS A 153 11.80 7.34 -20.37
N PRO A 154 11.91 8.66 -20.29
CA PRO A 154 11.00 9.41 -19.42
C PRO A 154 9.58 9.30 -19.93
N VAL A 155 8.64 9.11 -19.02
CA VAL A 155 7.23 9.22 -19.36
C VAL A 155 6.71 10.63 -19.08
N GLU A 156 6.41 11.36 -20.15
CA GLU A 156 5.94 12.74 -20.07
C GLU A 156 4.44 12.85 -20.39
N THR A 157 3.96 11.98 -21.27
CA THR A 157 2.56 11.91 -21.65
C THR A 157 2.10 10.45 -21.72
N PRO A 158 0.79 10.21 -21.74
CA PRO A 158 0.36 8.80 -21.75
C PRO A 158 0.86 8.02 -22.95
N ASP A 159 1.08 8.68 -24.09
CA ASP A 159 1.63 8.01 -25.25
C ASP A 159 3.03 7.41 -25.03
N ASP A 160 3.77 7.97 -24.07
CA ASP A 160 5.09 7.41 -23.72
C ASP A 160 4.99 6.06 -22.99
N VAL A 161 3.79 5.68 -22.58
CA VAL A 161 3.62 4.40 -21.90
C VAL A 161 3.42 3.28 -22.92
N GLU A 162 3.09 3.65 -24.17
CA GLU A 162 2.91 2.67 -25.22
C GLU A 162 4.14 1.80 -25.37
N GLY A 163 3.91 0.49 -25.46
CA GLY A 163 4.99 -0.47 -25.58
C GLY A 163 5.70 -0.88 -24.30
N LEU A 164 5.40 -0.23 -23.18
CA LEU A 164 6.02 -0.62 -21.91
C LEU A 164 5.27 -1.79 -21.28
N LYS A 165 6.00 -2.81 -20.88
CA LYS A 165 5.45 -3.90 -20.07
C LYS A 165 5.69 -3.59 -18.60
N VAL A 166 4.61 -3.30 -17.87
CA VAL A 166 4.73 -2.76 -16.50
C VAL A 166 4.20 -3.78 -15.49
N ARG A 167 5.02 -4.17 -14.52
CA ARG A 167 4.52 -4.99 -13.43
C ARG A 167 3.55 -4.21 -12.54
N VAL A 168 2.48 -4.89 -12.10
CA VAL A 168 1.54 -4.34 -11.14
C VAL A 168 1.30 -5.35 -10.01
N MSE A 169 0.69 -4.88 -8.94
CA MSE A 169 0.25 -5.76 -7.86
C MSE A 169 -0.96 -6.57 -8.29
O MSE A 169 -1.50 -6.38 -9.38
CB MSE A 169 -0.06 -4.93 -6.60
CG MSE A 169 1.13 -4.22 -5.99
SE MSE A 169 0.68 -3.36 -4.26
CE MSE A 169 -0.45 -1.88 -4.93
H MSE A 169 0.52 -4.05 -8.81
HA MSE A 169 0.98 -6.37 -7.63
HB2 MSE A 169 -0.72 -4.25 -6.84
HB3 MSE A 169 -0.43 -5.53 -5.93
HG2 MSE A 169 1.84 -4.86 -5.84
HG3 MSE A 169 1.44 -3.53 -6.60
HE1 MSE A 169 -0.75 -1.36 -4.18
HE2 MSE A 169 0.07 -1.33 -5.52
HE3 MSE A 169 -1.20 -2.25 -5.40
N ASN A 170 -1.39 -7.49 -7.42
CA ASN A 170 -2.44 -8.44 -7.78
C ASN A 170 -3.83 -7.86 -7.56
N ASN A 171 -4.21 -6.96 -8.47
CA ASN A 171 -5.57 -6.41 -8.53
C ASN A 171 -5.86 -6.05 -9.96
N ASP A 172 -6.94 -6.61 -10.52
CA ASP A 172 -7.27 -6.38 -11.94
C ASP A 172 -7.41 -4.91 -12.31
N LEU A 173 -7.80 -4.06 -11.38
CA LEU A 173 -7.88 -2.63 -11.66
C LEU A 173 -6.56 -2.05 -12.16
N TYR A 174 -5.44 -2.59 -11.70
CA TYR A 174 -4.13 -2.08 -12.12
C TYR A 174 -3.79 -2.47 -13.55
N VAL A 175 -4.29 -3.62 -14.00
CA VAL A 175 -4.09 -4.03 -15.38
C VAL A 175 -4.91 -3.09 -16.27
N GLN A 176 -6.14 -2.78 -15.84
CA GLN A 176 -6.98 -1.83 -16.56
C GLN A 176 -6.29 -0.46 -16.60
N MSE A 177 -5.71 -0.05 -15.47
CA MSE A 177 -5.03 1.24 -15.37
C MSE A 177 -3.89 1.37 -16.38
O MSE A 177 -3.85 2.30 -17.17
CB MSE A 177 -4.46 1.43 -13.96
CG MSE A 177 -3.76 2.75 -13.76
SE MSE A 177 -3.00 2.80 -11.93
CE MSE A 177 -1.46 1.58 -12.17
H MSE A 177 -5.71 -0.49 -14.74
HA MSE A 177 -5.67 1.96 -15.53
HB2 MSE A 177 -5.18 1.38 -13.32
HB3 MSE A 177 -3.82 0.73 -13.79
HG2 MSE A 177 -3.03 2.83 -14.40
HG3 MSE A 177 -4.39 3.47 -13.85
HE1 MSE A 177 -0.98 1.51 -11.34
HE2 MSE A 177 -1.78 0.71 -12.44
HE3 MSE A 177 -0.88 1.94 -12.85
N ILE A 178 -2.96 0.42 -16.36
CA ILE A 178 -1.85 0.44 -17.33
C ILE A 178 -2.30 0.34 -18.79
N ASP A 179 -3.28 -0.52 -19.05
CA ASP A 179 -3.80 -0.68 -20.40
C ASP A 179 -4.43 0.61 -20.92
N GLU A 180 -5.16 1.32 -20.07
CA GLU A 180 -5.79 2.59 -20.48
C GLU A 180 -4.72 3.67 -20.68
N MSE A 181 -3.62 3.60 -19.93
CA MSE A 181 -2.54 4.56 -20.13
C MSE A 181 -1.84 4.29 -21.45
O MSE A 181 -1.23 5.18 -22.02
CB MSE A 181 -1.52 4.48 -19.00
CG MSE A 181 -1.97 5.13 -17.70
SE MSE A 181 -0.56 4.96 -16.36
CE MSE A 181 -1.48 5.71 -14.79
H MSE A 181 -3.48 3.01 -19.32
HA MSE A 181 -2.92 5.46 -20.14
HB2 MSE A 181 -1.34 3.55 -18.81
HB3 MSE A 181 -0.71 4.92 -19.28
HG2 MSE A 181 -2.13 6.07 -17.86
HG3 MSE A 181 -2.76 4.69 -17.38
HE1 MSE A 181 -0.88 5.69 -14.04
HE2 MSE A 181 -1.72 6.62 -14.99
HE3 MSE A 181 -2.26 5.19 -14.61
N GLY A 182 -1.92 3.06 -21.95
CA GLY A 182 -1.34 2.70 -23.25
C GLY A 182 -0.38 1.52 -23.24
N GLY A 183 -0.04 1.01 -22.07
CA GLY A 183 0.95 -0.05 -21.96
C GLY A 183 0.32 -1.43 -21.86
N ASN A 184 1.10 -2.40 -21.40
CA ASN A 184 0.55 -3.70 -21.04
C ASN A 184 1.11 -4.07 -19.67
N ALA A 185 0.33 -4.85 -18.92
CA ALA A 185 0.62 -5.07 -17.52
C ALA A 185 0.77 -6.55 -17.22
N THR A 186 1.50 -6.84 -16.14
CA THR A 186 1.62 -8.19 -15.62
C THR A 186 1.65 -8.18 -14.10
N PRO A 187 0.69 -8.87 -13.48
CA PRO A 187 0.69 -9.00 -12.02
C PRO A 187 1.83 -9.91 -11.57
N MSE A 188 2.53 -9.50 -10.51
CA MSE A 188 3.70 -10.23 -10.04
C MSE A 188 3.95 -9.91 -8.59
O MSE A 188 3.77 -8.77 -8.16
CB MSE A 188 4.92 -9.83 -10.87
CG MSE A 188 6.17 -10.60 -10.64
SE MSE A 188 7.61 -9.80 -11.74
CE MSE A 188 6.72 -9.61 -13.37
H MSE A 188 2.35 -8.80 -10.05
HA MSE A 188 3.54 -11.20 -10.14
HB2 MSE A 188 4.69 -9.93 -11.82
HB3 MSE A 188 5.12 -8.90 -10.70
HG2 MSE A 188 6.41 -10.55 -9.71
HG3 MSE A 188 6.04 -11.53 -10.92
HE1 MSE A 188 7.33 -9.22 -14.02
HE2 MSE A 188 6.44 -10.48 -13.68
HE3 MSE A 188 5.97 -9.04 -13.26
N ALA A 189 4.43 -10.91 -7.85
CA ALA A 189 4.87 -10.71 -6.47
C ALA A 189 6.00 -9.68 -6.42
N TYR A 190 5.95 -8.84 -5.40
CA TYR A 190 6.91 -7.75 -5.17
C TYR A 190 8.37 -8.24 -5.17
N GLY A 191 8.62 -9.37 -4.54
CA GLY A 191 9.95 -9.93 -4.44
C GLY A 191 10.59 -10.33 -5.76
N GLU A 192 9.77 -10.55 -6.78
CA GLU A 192 10.28 -10.98 -8.08
C GLU A 192 10.64 -9.82 -9.03
N VAL A 193 10.28 -8.59 -8.66
CA VAL A 193 10.34 -7.46 -9.60
C VAL A 193 11.77 -7.06 -9.97
N TYR A 194 12.65 -7.02 -8.97
CA TYR A 194 14.03 -6.61 -9.19
C TYR A 194 14.66 -7.45 -10.30
N GLN A 195 14.61 -8.76 -10.16
CA GLN A 195 15.22 -9.63 -11.14
C GLN A 195 14.53 -9.56 -12.51
N SER A 196 13.23 -9.31 -12.51
N SER A 196 13.22 -9.33 -12.51
CA SER A 196 12.47 -9.24 -13.75
CA SER A 196 12.47 -9.24 -13.76
C SER A 196 12.86 -7.99 -14.54
C SER A 196 12.89 -8.00 -14.55
N LEU A 197 13.15 -6.91 -13.83
CA LEU A 197 13.62 -5.69 -14.49
C LEU A 197 15.05 -5.91 -14.99
N LYS A 198 15.84 -6.58 -14.18
CA LYS A 198 17.26 -6.75 -14.48
C LYS A 198 17.40 -7.58 -15.76
N THR A 199 16.59 -8.63 -15.89
CA THR A 199 16.66 -9.54 -17.03
C THR A 199 15.86 -9.12 -18.26
N GLY A 200 15.05 -8.07 -18.13
CA GLY A 200 14.30 -7.57 -19.27
C GLY A 200 12.96 -8.23 -19.52
N VAL A 201 12.50 -9.05 -18.59
CA VAL A 201 11.18 -9.67 -18.67
C VAL A 201 10.08 -8.60 -18.57
N ILE A 202 10.31 -7.57 -17.76
CA ILE A 202 9.42 -6.41 -17.75
C ILE A 202 10.26 -5.17 -18.03
N ASP A 203 9.61 -4.09 -18.46
CA ASP A 203 10.27 -2.79 -18.73
C ASP A 203 10.15 -1.82 -17.57
N GLY A 204 9.19 -2.05 -16.69
CA GLY A 204 8.90 -1.10 -15.63
C GLY A 204 7.98 -1.63 -14.54
N ALA A 205 7.75 -0.79 -13.55
CA ALA A 205 6.83 -1.08 -12.47
C ALA A 205 6.44 0.29 -11.90
N GLU A 206 5.77 0.30 -10.76
CA GLU A 206 5.33 1.56 -10.18
C GLU A 206 5.26 1.46 -8.67
N ASN A 207 5.71 2.52 -8.00
CA ASN A 207 5.75 2.53 -6.56
C ASN A 207 6.12 3.90 -6.02
N ASN A 208 6.04 4.01 -4.70
CA ASN A 208 6.42 5.21 -3.98
C ASN A 208 7.93 5.35 -3.85
N TYR A 209 8.40 6.50 -3.38
CA TYR A 209 9.83 6.73 -3.28
C TYR A 209 10.54 5.71 -2.36
N PRO A 210 10.02 5.48 -1.12
CA PRO A 210 10.80 4.58 -0.27
C PRO A 210 10.89 3.12 -0.79
N SER A 211 9.86 2.63 -1.49
CA SER A 211 9.89 1.27 -2.04
C SER A 211 10.80 1.19 -3.27
N TYR A 212 10.71 2.19 -4.15
CA TYR A 212 11.55 2.25 -5.35
C TYR A 212 13.03 2.20 -4.95
N GLU A 213 13.36 2.87 -3.83
CA GLU A 213 14.73 2.91 -3.31
C GLU A 213 15.11 1.63 -2.52
N SER A 214 14.32 1.30 -1.50
N SER A 214 14.30 1.27 -1.53
CA SER A 214 14.64 0.17 -0.64
CA SER A 214 14.64 0.17 -0.63
C SER A 214 14.80 -1.13 -1.44
C SER A 214 14.64 -1.20 -1.30
N SER A 215 13.91 -1.32 -2.40
CA SER A 215 13.87 -2.55 -3.18
C SER A 215 15.02 -2.71 -4.13
N GLY A 216 15.77 -1.64 -4.38
CA GLY A 216 16.83 -1.65 -5.37
C GLY A 216 16.36 -1.43 -6.80
N HIS A 217 15.06 -1.27 -7.01
CA HIS A 217 14.56 -1.14 -8.38
C HIS A 217 15.20 0.05 -9.10
N TYR A 218 15.53 1.09 -8.35
CA TYR A 218 16.12 2.26 -8.97
C TYR A 218 17.47 1.93 -9.60
N GLU A 219 18.13 0.86 -9.16
CA GLU A 219 19.45 0.51 -9.70
C GLU A 219 19.32 -0.09 -11.09
N VAL A 220 18.12 -0.55 -11.44
CA VAL A 220 17.92 -1.23 -12.71
C VAL A 220 16.87 -0.55 -13.58
N ALA A 221 16.15 0.42 -13.03
CA ALA A 221 15.23 1.19 -13.86
C ALA A 221 15.46 2.66 -13.52
N ASN A 222 16.15 3.37 -14.42
CA ASN A 222 16.75 4.68 -14.11
C ASN A 222 15.84 5.89 -14.36
N TYR A 223 14.64 5.66 -14.85
CA TYR A 223 13.69 6.73 -15.15
C TYR A 223 12.49 6.64 -14.20
N TYR A 224 12.23 7.73 -13.49
CA TYR A 224 11.11 7.77 -12.52
C TYR A 224 10.25 8.98 -12.89
N SER A 225 9.01 8.70 -13.28
CA SER A 225 8.13 9.72 -13.81
C SER A 225 6.91 9.86 -12.91
N LEU A 226 6.69 11.06 -12.41
CA LEU A 226 5.80 11.26 -11.29
C LEU A 226 4.31 11.32 -11.67
N THR A 227 3.80 10.19 -12.13
CA THR A 227 2.39 10.04 -12.44
C THR A 227 1.53 10.11 -11.17
N GLU A 228 2.06 9.64 -10.05
CA GLU A 228 1.38 9.74 -8.75
C GLU A 228 -0.09 9.25 -8.84
N HIS A 229 -0.25 8.07 -9.42
CA HIS A 229 -1.56 7.58 -9.87
C HIS A 229 -2.34 6.80 -8.82
N LEU A 230 -1.67 6.43 -7.75
CA LEU A 230 -2.29 5.68 -6.65
C LEU A 230 -1.72 6.15 -5.32
N ILE A 231 -2.62 6.46 -4.40
CA ILE A 231 -2.28 6.86 -3.06
C ILE A 231 -3.03 5.90 -2.15
N LEU A 232 -2.35 4.85 -1.73
CA LEU A 232 -3.01 3.76 -1.04
C LEU A 232 -2.74 3.75 0.48
N PRO A 233 -3.81 3.65 1.27
CA PRO A 233 -3.61 3.39 2.69
C PRO A 233 -3.05 1.99 2.92
N GLU A 234 -2.42 1.79 4.07
CA GLU A 234 -2.08 0.43 4.52
C GLU A 234 -2.64 0.23 5.93
N CYS A 235 -3.11 -0.96 6.25
CA CYS A 235 -3.61 -1.19 7.59
C CYS A 235 -2.55 -1.78 8.49
N LEU A 236 -2.71 -1.56 9.78
CA LEU A 236 -2.14 -2.39 10.84
C LEU A 236 -3.33 -3.15 11.39
N CYS A 237 -3.36 -4.47 11.17
CA CYS A 237 -4.54 -5.26 11.50
C CYS A 237 -4.19 -6.52 12.28
N VAL A 238 -5.19 -7.07 12.96
CA VAL A 238 -5.07 -8.29 13.73
C VAL A 238 -6.10 -9.29 13.23
N ALA A 239 -5.74 -10.57 13.24
CA ALA A 239 -6.66 -11.64 12.88
C ALA A 239 -7.85 -11.62 13.82
N LYS A 240 -9.05 -11.79 13.29
CA LYS A 240 -10.21 -11.76 14.14
C LYS A 240 -10.11 -12.85 15.22
N ALA A 241 -9.62 -14.03 14.85
CA ALA A 241 -9.55 -15.12 15.81
C ALA A 241 -8.60 -14.78 16.96
N SER A 242 -7.52 -14.07 16.65
CA SER A 242 -6.59 -13.67 17.69
C SER A 242 -7.15 -12.55 18.56
N TRP A 243 -7.86 -11.62 17.94
CA TRP A 243 -8.50 -10.53 18.65
C TRP A 243 -9.54 -11.03 19.64
N GLU A 244 -10.26 -12.09 19.26
CA GLU A 244 -11.34 -12.57 20.08
C GLU A 244 -10.88 -13.34 21.32
N GLU A 245 -9.58 -13.60 21.43
CA GLU A 245 -9.02 -14.29 22.60
C GLU A 245 -8.69 -13.29 23.73
N LEU A 246 -8.75 -12.01 23.42
CA LEU A 246 -8.29 -10.97 24.34
C LEU A 246 -9.37 -10.41 25.24
N SER A 247 -8.99 -10.06 26.46
CA SER A 247 -9.84 -9.28 27.34
C SER A 247 -9.99 -7.86 26.82
N GLU A 248 -10.99 -7.13 27.31
CA GLU A 248 -11.19 -5.75 26.86
C GLU A 248 -9.98 -4.87 27.20
N LYS A 249 -9.39 -5.06 28.38
CA LYS A 249 -8.20 -4.31 28.78
C LYS A 249 -7.06 -4.44 27.79
N ASP A 250 -6.80 -5.67 27.33
CA ASP A 250 -5.71 -5.87 26.39
C ASP A 250 -6.05 -5.37 24.99
N ARG A 251 -7.32 -5.47 24.61
CA ARG A 251 -7.75 -4.88 23.33
C ARG A 251 -7.47 -3.38 23.34
N GLN A 252 -7.79 -2.74 24.45
CA GLN A 252 -7.61 -1.29 24.57
C GLN A 252 -6.13 -0.92 24.53
N ALA A 253 -5.30 -1.67 25.23
CA ALA A 253 -3.85 -1.50 25.18
C ALA A 253 -3.27 -1.59 23.76
N ILE A 254 -3.73 -2.60 23.02
CA ILE A 254 -3.22 -2.88 21.71
C ILE A 254 -3.71 -1.81 20.73
N ARG A 255 -4.94 -1.34 20.90
N ARG A 255 -4.93 -1.33 20.89
CA ARG A 255 -5.44 -0.19 20.13
CA ARG A 255 -5.43 -0.21 20.11
C ARG A 255 -4.54 1.01 20.34
C ARG A 255 -4.58 1.04 20.34
N GLU A 256 -4.22 1.31 21.59
CA GLU A 256 -3.35 2.43 21.92
C GLU A 256 -1.96 2.27 21.27
N ALA A 257 -1.39 1.07 21.37
CA ALA A 257 -0.10 0.78 20.78
C ALA A 257 -0.14 0.98 19.25
N ALA A 258 -1.23 0.57 18.62
CA ALA A 258 -1.36 0.69 17.17
C ALA A 258 -1.52 2.14 16.71
N GLU A 259 -2.20 2.95 17.51
CA GLU A 259 -2.37 4.38 17.18
C GLU A 259 -1.01 5.08 17.32
N ASP A 260 -0.28 4.72 18.36
CA ASP A 260 1.07 5.26 18.57
C ASP A 260 1.96 4.89 17.36
N ALA A 261 1.88 3.62 16.94
CA ALA A 261 2.71 3.10 15.84
C ALA A 261 2.39 3.79 14.52
N ALA A 262 1.12 4.09 14.29
CA ALA A 262 0.73 4.79 13.06
C ALA A 262 1.22 6.23 13.03
N LYS A 263 1.13 6.92 14.17
CA LYS A 263 1.67 8.29 14.23
C LYS A 263 3.16 8.27 13.95
N GLU A 264 3.86 7.33 14.56
CA GLU A 264 5.29 7.12 14.32
C GLU A 264 5.58 6.79 12.87
N GLN A 265 4.80 5.86 12.30
CA GLN A 265 5.02 5.45 10.92
C GLN A 265 4.87 6.63 9.98
N ARG A 266 3.88 7.49 10.22
CA ARG A 266 3.64 8.57 9.28
C ARG A 266 4.76 9.61 9.32
N ALA A 267 5.32 9.84 10.49
CA ALA A 267 6.43 10.78 10.64
C ALA A 267 7.69 10.21 10.01
N LEU A 268 7.99 8.95 10.32
CA LEU A 268 9.12 8.25 9.70
C LEU A 268 8.99 8.19 8.18
N TRP A 269 7.75 8.09 7.72
CA TRP A 269 7.48 7.95 6.30
C TRP A 269 7.97 9.18 5.56
N GLU A 270 7.59 10.36 6.06
CA GLU A 270 7.97 11.59 5.38
C GLU A 270 9.47 11.76 5.40
N GLU A 271 10.11 11.40 6.52
CA GLU A 271 11.57 11.45 6.58
C GLU A 271 12.17 10.51 5.57
N GLY A 272 11.54 9.35 5.41
CA GLY A 272 11.99 8.36 4.45
C GLY A 272 11.84 8.76 2.99
N VAL A 273 10.78 9.47 2.65
CA VAL A 273 10.54 9.98 1.30
C VAL A 273 11.68 10.93 0.96
N GLN A 274 12.05 11.79 1.92
CA GLN A 274 13.11 12.77 1.73
C GLN A 274 14.45 12.06 1.55
N ALA A 275 14.76 11.12 2.44
CA ALA A 275 16.03 10.41 2.37
C ALA A 275 16.13 9.56 1.11
N SER A 276 15.05 8.87 0.75
CA SER A 276 15.07 8.03 -0.45
C SER A 276 15.27 8.85 -1.73
N LYS A 277 14.60 9.99 -1.80
CA LYS A 277 14.81 10.87 -2.97
C LYS A 277 16.25 11.32 -3.09
N GLN A 278 16.88 11.66 -1.97
CA GLN A 278 18.27 12.09 -2.03
C GLN A 278 19.13 10.95 -2.54
N LYS A 279 18.88 9.73 -2.06
CA LYS A 279 19.70 8.58 -2.42
C LYS A 279 19.57 8.27 -3.91
N ILE A 280 18.36 8.32 -4.44
CA ILE A 280 18.20 8.00 -5.86
C ILE A 280 18.75 9.11 -6.74
N LEU A 281 18.59 10.37 -6.34
CA LEU A 281 19.22 11.46 -7.09
C LEU A 281 20.73 11.31 -7.10
N ASP A 282 21.31 10.98 -5.94
CA ASP A 282 22.76 10.81 -5.84
C ASP A 282 23.25 9.66 -6.74
N ALA A 283 22.37 8.68 -6.98
CA ALA A 283 22.74 7.53 -7.80
C ALA A 283 22.54 7.80 -9.30
N GLY A 284 22.06 8.98 -9.64
CA GLY A 284 21.94 9.38 -11.03
C GLY A 284 20.60 9.10 -11.68
N VAL A 285 19.59 8.76 -10.88
CA VAL A 285 18.25 8.49 -11.42
C VAL A 285 17.70 9.75 -12.06
N LYS A 286 17.02 9.59 -13.19
CA LYS A 286 16.41 10.73 -13.88
C LYS A 286 14.94 10.83 -13.47
N ILE A 287 14.61 11.85 -12.71
CA ILE A 287 13.22 12.03 -12.25
C ILE A 287 12.59 13.14 -13.06
N ASN A 288 11.37 12.92 -13.54
CA ASN A 288 10.65 13.97 -14.26
C ASN A 288 9.21 14.07 -13.82
N GLU A 289 8.67 15.29 -13.90
CA GLU A 289 7.24 15.49 -13.80
C GLU A 289 6.58 15.15 -15.14
N VAL A 290 5.34 14.68 -15.12
CA VAL A 290 4.59 14.50 -16.38
C VAL A 290 4.09 15.87 -16.88
N ASP A 291 3.95 16.01 -18.20
CA ASP A 291 3.48 17.28 -18.77
C ASP A 291 2.16 17.74 -18.15
N ASP A 292 1.22 16.81 -18.00
CA ASP A 292 -0.15 17.18 -17.63
C ASP A 292 -0.84 15.99 -16.97
N LYS A 293 -0.89 16.01 -15.65
CA LYS A 293 -1.44 14.86 -14.93
C LYS A 293 -2.89 14.63 -15.30
N SER A 294 -3.59 15.69 -15.64
CA SER A 294 -5.00 15.58 -16.00
C SER A 294 -5.19 14.74 -17.27
N ALA A 295 -4.18 14.68 -18.13
CA ALA A 295 -4.27 13.83 -19.32
C ALA A 295 -4.28 12.35 -18.95
N PHE A 296 -3.51 11.96 -17.93
CA PHE A 296 -3.56 10.59 -17.42
C PHE A 296 -4.91 10.36 -16.73
N GLN A 297 -5.33 11.30 -15.90
CA GLN A 297 -6.55 11.12 -15.14
C GLN A 297 -7.78 10.93 -16.05
N ALA A 298 -7.88 11.72 -17.11
CA ALA A 298 -8.99 11.60 -18.06
C ALA A 298 -9.09 10.20 -18.67
N LYS A 299 -7.97 9.56 -18.90
CA LYS A 299 -7.99 8.23 -19.52
C LYS A 299 -8.51 7.15 -18.57
N MSE A 300 -8.60 7.48 -17.27
CA MSE A 300 -9.07 6.51 -16.29
C MSE A 300 -10.59 6.51 -16.17
O MSE A 300 -11.14 5.69 -15.45
CB MSE A 300 -8.48 6.81 -14.91
CG MSE A 300 -6.98 6.99 -14.87
SE MSE A 300 -6.04 5.34 -15.35
CE MSE A 300 -5.68 5.67 -17.24
H MSE A 300 -8.40 8.25 -16.95
HA MSE A 300 -8.78 5.62 -16.55
HB2 MSE A 300 -8.88 7.62 -14.57
HB3 MSE A 300 -8.70 6.07 -14.31
HG2 MSE A 300 -6.72 7.68 -15.51
HG3 MSE A 300 -6.69 7.25 -13.99
HE1 MSE A 300 -5.21 4.91 -17.60
HE2 MSE A 300 -6.51 5.79 -17.70
HE3 MSE A 300 -5.14 6.45 -17.32
N GLN A 301 -11.26 7.41 -16.87
CA GLN A 301 -12.71 7.54 -16.70
C GLN A 301 -13.49 6.22 -16.91
N PRO A 302 -13.13 5.42 -17.91
CA PRO A 302 -13.83 4.15 -18.12
C PRO A 302 -13.70 3.19 -16.96
N ILE A 303 -12.63 3.29 -16.19
CA ILE A 303 -12.45 2.44 -15.02
C ILE A 303 -13.48 2.79 -13.94
N TYR A 304 -13.64 4.09 -13.72
CA TYR A 304 -14.65 4.57 -12.78
C TYR A 304 -16.06 4.20 -13.25
N ASP A 305 -16.36 4.43 -14.54
CA ASP A 305 -17.68 4.08 -15.06
C ASP A 305 -18.02 2.61 -14.84
N GLN A 306 -17.13 1.74 -15.26
CA GLN A 306 -17.35 0.31 -15.10
C GLN A 306 -17.50 -0.04 -13.63
N PHE A 307 -16.67 0.54 -12.77
CA PHE A 307 -16.72 0.22 -11.34
C PHE A 307 -18.06 0.54 -10.67
N VAL A 308 -18.57 1.75 -10.91
CA VAL A 308 -19.83 2.13 -10.27
C VAL A 308 -21.02 1.41 -10.90
N GLN A 309 -20.91 1.02 -12.16
CA GLN A 309 -21.97 0.23 -12.78
C GLN A 309 -22.02 -1.19 -12.21
N GLU A 310 -20.84 -1.78 -11.99
CA GLU A 310 -20.70 -3.13 -11.38
C GLU A 310 -21.10 -3.16 -9.94
N HIS A 311 -20.79 -2.08 -9.22
CA HIS A 311 -20.97 -2.02 -7.78
C HIS A 311 -21.77 -0.79 -7.38
N PRO A 312 -23.05 -0.76 -7.72
CA PRO A 312 -23.86 0.40 -7.35
C PRO A 312 -23.93 0.62 -5.83
N GLU A 313 -23.76 -0.44 -5.04
CA GLU A 313 -23.77 -0.34 -3.59
C GLU A 313 -22.50 0.34 -3.02
N LEU A 314 -21.48 0.51 -3.86
CA LEU A 314 -20.26 1.21 -3.47
C LEU A 314 -20.17 2.63 -4.07
N GLU A 315 -21.17 3.02 -4.84
CA GLU A 315 -21.08 4.30 -5.53
C GLU A 315 -20.99 5.45 -4.55
N SER A 316 -21.72 5.38 -3.44
CA SER A 316 -21.74 6.52 -2.52
C SER A 316 -20.42 6.62 -1.76
N LEU A 317 -19.71 5.51 -1.64
CA LEU A 317 -18.39 5.54 -1.05
C LEU A 317 -17.42 6.27 -1.99
N VAL A 318 -17.48 5.96 -3.28
CA VAL A 318 -16.69 6.68 -4.27
C VAL A 318 -17.01 8.19 -4.29
N THR A 319 -18.29 8.54 -4.35
CA THR A 319 -18.65 9.96 -4.45
C THR A 319 -18.38 10.71 -3.14
N ASP A 320 -18.50 10.03 -2.00
CA ASP A 320 -18.18 10.68 -0.73
C ASP A 320 -16.69 11.03 -0.63
N ILE A 321 -15.84 10.16 -1.15
CA ILE A 321 -14.40 10.43 -1.14
C ILE A 321 -14.10 11.56 -2.13
N GLN A 322 -14.74 11.53 -3.30
CA GLN A 322 -14.52 12.60 -4.27
C GLN A 322 -14.99 13.96 -3.74
N ASP A 323 -16.16 13.97 -3.11
CA ASP A 323 -16.76 15.19 -2.56
C ASP A 323 -15.96 15.79 -1.42
N ALA A 324 -15.25 14.93 -0.68
CA ALA A 324 -14.38 15.38 0.42
C ALA A 324 -13.16 16.16 -0.08
N GLN A 325 -12.95 16.15 -1.39
CA GLN A 325 -11.80 16.80 -1.99
C GLN A 325 -12.17 17.83 -3.04
N SER A 326 -13.40 18.33 -3.00
CA SER A 326 -13.73 19.53 -3.76
C SER A 326 -13.07 20.75 -3.08
CL CL B . 3.68 -9.77 -2.94
CL CL C . 6.19 8.75 -2.16
C1 BDP D . 4.57 -1.08 -1.51
C2 BDP D . 3.63 -1.57 -0.40
C3 BDP D . 3.88 -3.06 -0.22
C4 BDP D . 3.59 -3.76 -1.53
C5 BDP D . 4.48 -3.19 -2.65
C6 BDP D . 4.19 -3.85 -4.03
O2 BDP D . 4.06 -0.92 0.82
O3 BDP D . 2.87 -3.52 0.71
O4 BDP D . 3.83 -5.21 -1.40
O5 BDP D . 4.30 -1.77 -2.76
O6A BDP D . 3.92 -5.07 -4.06
O1 BDP D . 4.37 0.28 -1.81
O6B BDP D . 4.35 -3.09 -4.99
#